data_6IAF
#
_entry.id   6IAF
#
_cell.length_a   183.720
_cell.length_b   183.720
_cell.length_c   183.720
_cell.angle_alpha   90.00
_cell.angle_beta   90.00
_cell.angle_gamma   90.00
#
_symmetry.space_group_name_H-M   'F 4 3 2'
#
loop_
_entity.id
_entity.type
_entity.pdbx_description
1 polymer 'Ferritin, middle subunit'
2 non-polymer 'FE (II) ION'
3 non-polymer 'MAGNESIUM ION'
4 non-polymer 'CHLORIDE ION'
5 water water
#
_entity_poly.entity_id   1
_entity_poly.type   'polypeptide(L)'
_entity_poly.pdbx_seq_one_letter_code
;MVSQVRQNYHSDCEAAVNRMLNLELYASYTYSSMYAFFDRDDVALHNVAEFFKENSHEEREHAEKFMKYQNKRGGRVVLQ
DIKKPERDEWGNTLEAMQAALQLEKTVNQALLDLHKLATDKVDPHLCDFLESEYLEEQVKDIKRIGDFITNLKRLGLPEN
GMGEYLFDKHSVKESS
;
_entity_poly.pdbx_strand_id   A
#
loop_
_chem_comp.id
_chem_comp.type
_chem_comp.name
_chem_comp.formula
CL non-polymer 'CHLORIDE ION' 'Cl -1'
FE2 non-polymer 'FE (II) ION' 'Fe 2'
MG non-polymer 'MAGNESIUM ION' 'Mg 2'
#
# COMPACT_ATOMS: atom_id res chain seq x y z
N VAL A 2 5.08 -19.88 23.59
N VAL A 2 6.06 -21.93 24.39
CA VAL A 2 6.13 -20.48 24.46
CA VAL A 2 6.09 -20.43 24.39
C VAL A 2 7.53 -19.98 24.05
C VAL A 2 7.50 -19.96 24.06
N SER A 3 7.66 -19.01 23.13
CA SER A 3 8.98 -18.43 22.80
C SER A 3 9.59 -17.81 24.07
N GLN A 4 10.88 -18.00 24.27
CA GLN A 4 11.62 -17.43 25.41
C GLN A 4 11.58 -15.90 25.43
N VAL A 5 11.38 -15.26 24.28
CA VAL A 5 11.37 -13.78 24.25
C VAL A 5 9.98 -13.23 24.50
N ARG A 6 8.95 -14.06 24.40
CA ARG A 6 7.58 -13.53 24.32
C ARG A 6 7.20 -12.88 25.65
N GLN A 7 6.66 -11.68 25.58
CA GLN A 7 6.19 -10.98 26.79
C GLN A 7 5.14 -9.95 26.37
N ASN A 8 3.97 -10.07 26.95
CA ASN A 8 2.85 -9.15 26.69
C ASN A 8 2.45 -9.15 25.22
N TYR A 9 2.45 -10.31 24.58
CA TYR A 9 2.13 -10.39 23.13
C TYR A 9 0.98 -11.37 22.95
N HIS A 10 -0.21 -10.83 22.73
CA HIS A 10 -1.41 -11.68 22.68
C HIS A 10 -1.44 -12.46 21.36
N SER A 11 -1.93 -13.70 21.42
CA SER A 11 -2.14 -14.56 20.24
C SER A 11 -2.95 -13.81 19.17
N ASP A 12 -3.96 -13.03 19.59
CA ASP A 12 -4.81 -12.34 18.61
C ASP A 12 -3.98 -11.29 17.85
N CYS A 13 -3.06 -10.62 18.53
CA CYS A 13 -2.21 -9.61 17.88
C CYS A 13 -1.23 -10.31 16.94
N GLU A 14 -0.67 -11.42 17.36
CA GLU A 14 0.25 -12.22 16.50
C GLU A 14 -0.47 -12.57 15.20
N ALA A 15 -1.69 -13.07 15.29
CA ALA A 15 -2.44 -13.47 14.08
C ALA A 15 -2.75 -12.24 13.22
N ALA A 16 -3.15 -11.15 13.84
CA ALA A 16 -3.50 -9.92 13.09
C ALA A 16 -2.27 -9.35 12.41
N VAL A 17 -1.08 -9.49 13.00
CA VAL A 17 0.17 -9.06 12.34
C VAL A 17 0.39 -9.92 11.09
N ASN A 18 0.17 -11.22 11.17
CA ASN A 18 0.30 -12.06 9.94
C ASN A 18 -0.70 -11.61 8.87
N ARG A 19 -1.91 -11.28 9.26
CA ARG A 19 -2.89 -10.86 8.24
C ARG A 19 -2.47 -9.51 7.65
N MET A 20 -1.93 -8.63 8.48
CA MET A 20 -1.53 -7.29 8.03
C MET A 20 -0.36 -7.42 7.05
N LEU A 21 0.59 -8.33 7.34
N LEU A 21 0.57 -8.32 7.28
CA LEU A 21 1.74 -8.70 6.48
CA LEU A 21 1.69 -8.36 6.30
C LEU A 21 1.21 -9.07 5.09
C LEU A 21 1.21 -9.05 5.01
N ASN A 22 0.22 -9.94 5.06
CA ASN A 22 -0.37 -10.41 3.78
C ASN A 22 -0.97 -9.22 3.03
N LEU A 23 -1.68 -8.34 3.72
CA LEU A 23 -2.31 -7.19 3.05
C LEU A 23 -1.24 -6.25 2.46
N GLU A 24 -0.12 -6.07 3.16
CA GLU A 24 0.97 -5.25 2.58
C GLU A 24 1.49 -5.90 1.31
N LEU A 25 1.63 -7.22 1.29
CA LEU A 25 2.11 -7.94 0.08
C LEU A 25 1.06 -7.82 -1.03
N TYR A 26 -0.21 -7.90 -0.69
CA TYR A 26 -1.30 -7.71 -1.67
C TYR A 26 -1.21 -6.29 -2.27
N ALA A 27 -1.00 -5.30 -1.42
CA ALA A 27 -0.89 -3.91 -1.91
C ALA A 27 0.32 -3.77 -2.83
N SER A 28 1.46 -4.35 -2.44
CA SER A 28 2.68 -4.35 -3.28
C SER A 28 2.34 -4.90 -4.67
N TYR A 29 1.64 -6.03 -4.69
CA TYR A 29 1.36 -6.74 -5.96
C TYR A 29 0.43 -5.90 -6.84
N THR A 30 -0.56 -5.25 -6.24
CA THR A 30 -1.45 -4.34 -6.97
C THR A 30 -0.63 -3.21 -7.60
N TYR A 31 0.29 -2.62 -6.85
CA TYR A 31 1.12 -1.55 -7.43
C TYR A 31 2.02 -2.10 -8.54
N SER A 32 2.52 -3.34 -8.43
CA SER A 32 3.33 -3.92 -9.54
CA SER A 32 3.30 -3.99 -9.52
CA SER A 32 3.32 -3.95 -9.52
C SER A 32 2.46 -4.06 -10.78
N SER A 33 1.20 -4.44 -10.64
CA SER A 33 0.27 -4.52 -11.78
C SER A 33 0.12 -3.14 -12.42
N MET A 34 -0.03 -2.11 -11.61
CA MET A 34 -0.18 -0.74 -12.14
C MET A 34 1.10 -0.33 -12.87
N TYR A 35 2.27 -0.62 -12.32
CA TYR A 35 3.54 -0.38 -13.03
C TYR A 35 3.48 -1.03 -14.41
N ALA A 36 3.16 -2.32 -14.48
CA ALA A 36 3.21 -3.05 -15.77
C ALA A 36 2.20 -2.44 -16.75
N PHE A 37 1.05 -2.01 -16.25
CA PHE A 37 0.02 -1.41 -17.12
C PHE A 37 0.52 -0.10 -17.75
N PHE A 38 1.11 0.79 -16.95
CA PHE A 38 1.53 2.11 -17.49
C PHE A 38 2.79 1.98 -18.35
N ASP A 39 3.48 0.84 -18.30
CA ASP A 39 4.65 0.55 -19.16
C ASP A 39 4.20 -0.11 -20.47
N ARG A 40 2.93 -0.44 -20.64
CA ARG A 40 2.45 -0.99 -21.93
C ARG A 40 2.70 0.01 -23.05
N ASP A 41 2.98 -0.49 -24.25
CA ASP A 41 3.24 0.41 -25.38
C ASP A 41 1.99 1.23 -25.74
N ASP A 42 0.79 0.74 -25.42
CA ASP A 42 -0.48 1.43 -25.77
CA ASP A 42 -0.48 1.41 -25.76
C ASP A 42 -0.98 2.25 -24.57
N VAL A 43 -0.15 2.39 -23.54
CA VAL A 43 -0.42 3.27 -22.38
C VAL A 43 0.71 4.28 -22.29
N ALA A 44 1.92 3.81 -22.02
CA ALA A 44 3.16 4.59 -22.25
C ALA A 44 3.16 5.89 -21.43
N LEU A 45 3.03 5.73 -20.12
CA LEU A 45 3.19 6.88 -19.19
C LEU A 45 4.26 6.44 -18.19
N HIS A 46 5.51 6.64 -18.58
CA HIS A 46 6.62 5.99 -17.85
CA HIS A 46 6.66 6.03 -17.88
C HIS A 46 6.80 6.59 -16.46
N ASN A 47 6.60 7.90 -16.28
CA ASN A 47 6.77 8.45 -14.91
C ASN A 47 5.68 7.93 -13.99
N VAL A 48 4.47 7.78 -14.50
CA VAL A 48 3.37 7.17 -13.71
C VAL A 48 3.75 5.72 -13.38
N ALA A 49 4.24 4.97 -14.37
CA ALA A 49 4.64 3.57 -14.15
C ALA A 49 5.66 3.49 -13.02
N GLU A 50 6.65 4.36 -13.07
CA GLU A 50 7.75 4.32 -12.06
CA GLU A 50 7.76 4.36 -12.06
C GLU A 50 7.22 4.72 -10.67
N PHE A 51 6.28 5.65 -10.59
CA PHE A 51 5.62 6.00 -9.31
C PHE A 51 5.02 4.75 -8.69
N PHE A 52 4.30 3.97 -9.47
CA PHE A 52 3.65 2.77 -8.93
C PHE A 52 4.69 1.70 -8.64
N LYS A 53 5.74 1.56 -9.46
CA LYS A 53 6.80 0.58 -9.17
C LYS A 53 7.44 0.91 -7.81
N GLU A 54 7.73 2.19 -7.55
CA GLU A 54 8.32 2.59 -6.26
C GLU A 54 7.35 2.25 -5.12
N ASN A 55 6.06 2.48 -5.29
CA ASN A 55 5.06 2.14 -4.23
CA ASN A 55 5.06 2.15 -4.24
CA ASN A 55 5.06 2.15 -4.24
C ASN A 55 5.06 0.63 -4.01
N SER A 56 5.20 -0.16 -5.07
CA SER A 56 5.26 -1.63 -4.93
CA SER A 56 5.26 -1.63 -4.93
C SER A 56 6.43 -2.00 -4.02
N HIS A 57 7.58 -1.36 -4.19
CA HIS A 57 8.77 -1.67 -3.37
C HIS A 57 8.50 -1.24 -1.92
N GLU A 58 7.91 -0.06 -1.73
CA GLU A 58 7.61 0.45 -0.37
C GLU A 58 6.74 -0.58 0.36
N GLU A 59 5.71 -1.10 -0.28
CA GLU A 59 4.76 -2.02 0.39
CA GLU A 59 4.76 -2.01 0.41
C GLU A 59 5.48 -3.32 0.73
N ARG A 60 6.37 -3.79 -0.13
CA ARG A 60 7.14 -5.02 0.17
CA ARG A 60 7.12 -5.04 0.18
C ARG A 60 8.03 -4.78 1.39
N GLU A 61 8.64 -3.60 1.46
CA GLU A 61 9.46 -3.24 2.65
C GLU A 61 8.56 -3.24 3.90
N HIS A 62 7.35 -2.70 3.80
CA HIS A 62 6.42 -2.71 4.95
C HIS A 62 6.11 -4.13 5.41
N ALA A 63 5.92 -5.05 4.46
CA ALA A 63 5.66 -6.46 4.79
C ALA A 63 6.87 -7.07 5.50
N GLU A 64 8.07 -6.80 4.99
CA GLU A 64 9.30 -7.37 5.61
CA GLU A 64 9.31 -7.36 5.61
C GLU A 64 9.47 -6.82 7.03
N LYS A 65 9.09 -5.57 7.26
CA LYS A 65 9.21 -4.99 8.62
CA LYS A 65 9.19 -4.96 8.62
C LYS A 65 8.22 -5.70 9.56
N PHE A 66 7.06 -6.11 9.08
CA PHE A 66 6.14 -6.90 9.94
C PHE A 66 6.72 -8.28 10.23
N MET A 67 7.41 -8.91 9.28
CA MET A 67 8.05 -10.23 9.54
C MET A 67 9.07 -10.05 10.66
N LYS A 68 9.92 -9.02 10.54
CA LYS A 68 10.95 -8.76 11.58
C LYS A 68 10.27 -8.50 12.92
N TYR A 69 9.18 -7.74 12.93
CA TYR A 69 8.44 -7.39 14.16
C TYR A 69 7.94 -8.66 14.84
N GLN A 70 7.29 -9.50 14.04
CA GLN A 70 6.71 -10.77 14.54
C GLN A 70 7.81 -11.53 15.29
N ASN A 71 8.96 -11.69 14.66
CA ASN A 71 10.05 -12.46 15.28
C ASN A 71 10.59 -11.75 16.50
N LYS A 72 10.68 -10.41 16.49
CA LYS A 72 11.20 -9.70 17.67
C LYS A 72 10.32 -9.97 18.88
N ARG A 73 9.01 -10.10 18.68
CA ARG A 73 8.06 -10.28 19.80
C ARG A 73 7.93 -11.76 20.18
N GLY A 74 8.47 -12.66 19.37
CA GLY A 74 8.35 -14.10 19.64
C GLY A 74 7.13 -14.72 19.01
N GLY A 75 6.45 -14.00 18.13
CA GLY A 75 5.40 -14.59 17.32
C GLY A 75 6.01 -15.37 16.18
N ARG A 76 5.17 -16.03 15.43
CA ARG A 76 5.61 -16.87 14.31
C ARG A 76 4.94 -16.39 13.03
N VAL A 77 5.77 -16.07 12.06
CA VAL A 77 5.31 -15.66 10.72
C VAL A 77 4.58 -16.83 10.09
N VAL A 78 3.35 -16.58 9.66
CA VAL A 78 2.56 -17.57 8.92
C VAL A 78 2.13 -16.87 7.64
N LEU A 79 2.55 -17.40 6.50
CA LEU A 79 2.28 -16.81 5.19
C LEU A 79 1.04 -17.45 4.57
N GLN A 80 0.33 -16.65 3.79
CA GLN A 80 -0.77 -17.14 2.97
C GLN A 80 -0.54 -16.68 1.54
N ASP A 81 -1.32 -17.23 0.64
CA ASP A 81 -1.23 -16.81 -0.77
C ASP A 81 -1.34 -15.29 -0.88
N ILE A 82 -0.60 -14.71 -1.82
CA ILE A 82 -0.77 -13.30 -2.19
C ILE A 82 -1.75 -13.26 -3.35
N LYS A 83 -2.95 -12.77 -3.07
CA LYS A 83 -4.00 -12.76 -4.11
CA LYS A 83 -4.01 -12.75 -4.11
C LYS A 83 -3.62 -11.79 -5.23
N LYS A 84 -3.94 -12.18 -6.44
CA LYS A 84 -3.67 -11.29 -7.61
CA LYS A 84 -3.68 -11.28 -7.60
C LYS A 84 -4.54 -10.04 -7.46
N PRO A 85 -4.16 -8.94 -8.11
CA PRO A 85 -4.93 -7.70 -8.01
C PRO A 85 -6.33 -7.85 -8.58
N GLU A 86 -7.17 -6.91 -8.20
CA GLU A 86 -8.62 -6.92 -8.53
C GLU A 86 -8.83 -6.76 -10.03
N ARG A 87 -7.94 -6.04 -10.70
CA ARG A 87 -8.06 -5.76 -12.14
CA ARG A 87 -8.06 -5.76 -12.14
C ARG A 87 -6.78 -6.21 -12.84
N ASP A 88 -6.93 -6.52 -14.13
CA ASP A 88 -5.79 -6.83 -15.02
C ASP A 88 -5.33 -5.58 -15.78
N GLU A 89 -6.20 -4.59 -15.88
CA GLU A 89 -5.89 -3.33 -16.59
CA GLU A 89 -5.98 -3.34 -16.64
C GLU A 89 -6.54 -2.19 -15.81
N TRP A 90 -5.93 -1.03 -15.87
CA TRP A 90 -6.26 0.04 -14.90
C TRP A 90 -6.80 1.30 -15.57
N GLY A 91 -7.19 1.23 -16.83
CA GLY A 91 -7.93 2.30 -17.53
C GLY A 91 -7.02 3.44 -17.94
N ASN A 92 -6.64 4.25 -16.98
CA ASN A 92 -5.90 5.52 -17.23
C ASN A 92 -5.39 6.02 -15.90
N THR A 93 -4.64 7.11 -15.91
CA THR A 93 -3.98 7.60 -14.68
C THR A 93 -5.02 7.90 -13.60
N LEU A 94 -6.15 8.51 -13.95
CA LEU A 94 -7.17 8.85 -12.94
C LEU A 94 -7.75 7.57 -12.33
N GLU A 95 -8.17 6.62 -13.16
CA GLU A 95 -8.75 5.36 -12.62
CA GLU A 95 -8.76 5.36 -12.62
C GLU A 95 -7.72 4.66 -11.72
N ALA A 96 -6.47 4.64 -12.12
CA ALA A 96 -5.44 3.95 -11.30
C ALA A 96 -5.24 4.68 -9.97
N MET A 97 -5.20 6.01 -10.00
CA MET A 97 -4.99 6.78 -8.76
C MET A 97 -6.20 6.62 -7.86
N GLN A 98 -7.41 6.56 -8.40
CA GLN A 98 -8.62 6.31 -7.58
CA GLN A 98 -8.63 6.30 -7.59
C GLN A 98 -8.50 4.93 -6.92
N ALA A 99 -8.07 3.91 -7.66
CA ALA A 99 -7.87 2.56 -7.10
C ALA A 99 -6.76 2.60 -6.03
N ALA A 100 -5.71 3.36 -6.25
CA ALA A 100 -4.60 3.48 -5.29
C ALA A 100 -5.11 4.17 -4.02
N LEU A 101 -5.93 5.20 -4.15
CA LEU A 101 -6.47 5.88 -2.95
C LEU A 101 -7.28 4.88 -2.14
N GLN A 102 -8.15 4.11 -2.79
N GLN A 102 -8.16 4.11 -2.80
CA GLN A 102 -9.01 3.14 -2.04
CA GLN A 102 -9.01 3.12 -2.09
C GLN A 102 -8.13 2.06 -1.41
C GLN A 102 -8.12 2.08 -1.41
N LEU A 103 -7.08 1.61 -2.09
CA LEU A 103 -6.14 0.62 -1.54
C LEU A 103 -5.44 1.19 -0.31
N GLU A 104 -4.95 2.42 -0.41
CA GLU A 104 -4.23 3.02 0.74
CA GLU A 104 -4.24 3.04 0.73
C GLU A 104 -5.21 3.16 1.92
N LYS A 105 -6.47 3.50 1.66
N LYS A 105 -6.46 3.52 1.66
CA LYS A 105 -7.46 3.64 2.77
CA LYS A 105 -7.50 3.61 2.71
C LYS A 105 -7.81 2.24 3.32
C LYS A 105 -7.74 2.24 3.32
N THR A 106 -7.83 1.20 2.49
CA THR A 106 -8.03 -0.17 2.99
C THR A 106 -6.87 -0.57 3.91
N VAL A 107 -5.65 -0.31 3.48
CA VAL A 107 -4.46 -0.63 4.31
C VAL A 107 -4.51 0.18 5.59
N ASN A 108 -4.82 1.46 5.48
CA ASN A 108 -4.91 2.33 6.68
C ASN A 108 -5.97 1.80 7.64
N GLN A 109 -7.11 1.36 7.14
CA GLN A 109 -8.17 0.87 8.03
C GLN A 109 -7.68 -0.40 8.73
N ALA A 110 -6.96 -1.26 8.03
CA ALA A 110 -6.42 -2.48 8.66
C ALA A 110 -5.39 -2.09 9.74
N LEU A 111 -4.56 -1.09 9.49
CA LEU A 111 -3.57 -0.65 10.51
C LEU A 111 -4.30 -0.05 11.72
N LEU A 112 -5.33 0.73 11.50
CA LEU A 112 -6.11 1.34 12.60
C LEU A 112 -6.81 0.22 13.39
N ASP A 113 -7.32 -0.78 12.69
CA ASP A 113 -7.99 -1.91 13.39
C ASP A 113 -6.96 -2.67 14.22
N LEU A 114 -5.75 -2.85 13.69
CA LEU A 114 -4.69 -3.55 14.45
C LEU A 114 -4.30 -2.68 15.65
N HIS A 115 -4.26 -1.37 15.51
CA HIS A 115 -3.94 -0.49 16.66
C HIS A 115 -5.03 -0.63 17.73
N LYS A 116 -6.29 -0.70 17.32
CA LYS A 116 -7.40 -0.86 18.30
CA LYS A 116 -7.41 -0.87 18.28
C LYS A 116 -7.25 -2.21 19.01
N LEU A 117 -6.90 -3.27 18.29
CA LEU A 117 -6.71 -4.59 18.95
C LEU A 117 -5.54 -4.48 19.94
N ALA A 118 -4.42 -3.89 19.53
CA ALA A 118 -3.26 -3.72 20.40
C ALA A 118 -3.64 -2.90 21.65
N THR A 119 -4.47 -1.88 21.48
CA THR A 119 -4.97 -1.05 22.60
C THR A 119 -5.81 -1.92 23.54
N ASP A 120 -6.71 -2.72 22.97
CA ASP A 120 -7.61 -3.58 23.79
CA ASP A 120 -7.62 -3.61 23.76
C ASP A 120 -6.78 -4.61 24.57
N LYS A 121 -5.70 -5.11 24.00
CA LYS A 121 -4.81 -6.11 24.64
C LYS A 121 -3.69 -5.44 25.44
N VAL A 122 -3.70 -4.11 25.52
CA VAL A 122 -2.73 -3.34 26.34
C VAL A 122 -1.29 -3.70 25.92
N ASP A 123 -1.03 -3.47 24.63
CA ASP A 123 0.29 -3.74 24.01
C ASP A 123 0.87 -2.43 23.52
N PRO A 124 1.54 -1.67 24.40
CA PRO A 124 2.06 -0.37 23.97
C PRO A 124 3.18 -0.45 22.93
N HIS A 125 3.95 -1.52 22.95
CA HIS A 125 5.03 -1.66 21.97
C HIS A 125 4.42 -1.78 20.58
N LEU A 126 3.39 -2.60 20.41
CA LEU A 126 2.75 -2.75 19.09
C LEU A 126 2.07 -1.43 18.71
N CYS A 127 1.42 -0.75 19.65
CA CYS A 127 0.82 0.58 19.34
C CYS A 127 1.90 1.53 18.84
N ASP A 128 3.01 1.64 19.55
CA ASP A 128 4.10 2.56 19.17
C ASP A 128 4.64 2.20 17.79
N PHE A 129 4.80 0.91 17.52
CA PHE A 129 5.34 0.46 16.23
C PHE A 129 4.43 0.95 15.12
N LEU A 130 3.13 0.75 15.27
CA LEU A 130 2.20 1.16 14.22
C LEU A 130 2.21 2.68 14.07
N GLU A 131 2.23 3.40 15.19
CA GLU A 131 2.20 4.87 15.15
C GLU A 131 3.48 5.44 14.51
N SER A 132 4.61 4.82 14.77
CA SER A 132 5.96 5.32 14.42
C SER A 132 6.37 4.88 13.01
N GLU A 133 5.90 3.72 12.55
CA GLU A 133 6.41 3.07 11.31
C GLU A 133 5.35 2.98 10.20
N TYR A 134 4.05 3.14 10.50
CA TYR A 134 2.99 2.92 9.48
C TYR A 134 1.94 4.02 9.38
N LEU A 135 1.39 4.51 10.50
CA LEU A 135 0.18 5.36 10.42
C LEU A 135 0.50 6.72 9.80
N GLU A 136 1.66 7.32 10.09
CA GLU A 136 1.96 8.66 9.50
CA GLU A 136 2.06 8.64 9.52
C GLU A 136 2.27 8.48 8.01
N GLU A 137 2.99 7.46 7.59
CA GLU A 137 3.24 7.24 6.15
CA GLU A 137 3.24 7.25 6.15
C GLU A 137 1.90 7.07 5.42
N GLN A 138 0.95 6.38 6.02
CA GLN A 138 -0.36 6.18 5.35
C GLN A 138 -1.08 7.51 5.17
N VAL A 139 -1.09 8.37 6.17
CA VAL A 139 -1.76 9.69 6.02
C VAL A 139 -1.07 10.49 4.91
N LYS A 140 0.26 10.48 4.90
CA LYS A 140 1.01 11.21 3.84
C LYS A 140 0.69 10.63 2.46
N ASP A 141 0.64 9.32 2.33
CA ASP A 141 0.36 8.67 1.03
C ASP A 141 -1.05 8.97 0.56
N ILE A 142 -2.03 8.91 1.45
CA ILE A 142 -3.43 9.20 1.10
C ILE A 142 -3.54 10.66 0.64
N LYS A 143 -2.89 11.58 1.35
CA LYS A 143 -2.92 13.01 0.97
C LYS A 143 -2.29 13.18 -0.41
N ARG A 144 -1.15 12.55 -0.66
CA ARG A 144 -0.45 12.71 -1.95
C ARG A 144 -1.37 12.24 -3.08
N ILE A 145 -1.99 11.08 -2.91
CA ILE A 145 -2.83 10.49 -3.99
C ILE A 145 -4.09 11.33 -4.16
N GLY A 146 -4.68 11.78 -3.07
CA GLY A 146 -5.84 12.68 -3.19
C GLY A 146 -5.49 13.94 -3.96
N ASP A 147 -4.34 14.52 -3.64
CA ASP A 147 -3.88 15.74 -4.35
C ASP A 147 -3.75 15.42 -5.84
N PHE A 148 -3.16 14.27 -6.17
CA PHE A 148 -3.01 13.90 -7.59
C PHE A 148 -4.38 13.76 -8.26
N ILE A 149 -5.34 13.12 -7.58
CA ILE A 149 -6.69 12.94 -8.18
C ILE A 149 -7.31 14.30 -8.46
N THR A 150 -7.21 15.23 -7.53
CA THR A 150 -7.73 16.59 -7.74
C THR A 150 -7.12 17.19 -9.00
N ASN A 151 -5.81 17.03 -9.15
CA ASN A 151 -5.12 17.61 -10.33
C ASN A 151 -5.52 16.90 -11.61
N LEU A 152 -5.71 15.59 -11.58
CA LEU A 152 -6.11 14.85 -12.79
C LEU A 152 -7.52 15.28 -13.22
N LYS A 153 -8.41 15.48 -12.26
CA LYS A 153 -9.77 15.95 -12.59
C LYS A 153 -9.69 17.37 -13.19
N ARG A 154 -8.88 18.24 -12.61
CA ARG A 154 -8.64 19.63 -13.10
CA ARG A 154 -8.70 19.62 -13.13
C ARG A 154 -8.10 19.57 -14.54
N LEU A 155 -7.26 18.58 -14.82
CA LEU A 155 -6.66 18.41 -16.15
C LEU A 155 -7.60 17.71 -17.14
N GLY A 156 -8.83 17.42 -16.74
CA GLY A 156 -9.88 16.95 -17.64
C GLY A 156 -9.86 15.46 -17.86
N LEU A 157 -9.18 14.69 -17.02
CA LEU A 157 -9.26 13.22 -17.15
C LEU A 157 -10.70 12.79 -16.86
N PRO A 158 -11.16 11.67 -17.46
CA PRO A 158 -10.37 10.81 -18.34
C PRO A 158 -10.24 11.24 -19.81
N GLU A 159 -11.08 12.17 -20.26
CA GLU A 159 -11.21 12.49 -21.70
C GLU A 159 -9.99 13.25 -22.21
N ASN A 160 -9.39 14.09 -21.39
CA ASN A 160 -8.37 15.03 -21.91
C ASN A 160 -6.99 14.35 -21.90
N GLY A 161 -6.61 13.79 -23.04
CA GLY A 161 -5.32 13.10 -23.17
C GLY A 161 -4.16 14.05 -23.01
N MET A 162 -4.31 15.29 -23.45
CA MET A 162 -3.24 16.29 -23.25
C MET A 162 -3.03 16.52 -21.75
N GLY A 163 -4.13 16.61 -21.00
CA GLY A 163 -4.02 16.75 -19.54
C GLY A 163 -3.28 15.58 -18.93
N GLU A 164 -3.59 14.37 -19.39
CA GLU A 164 -2.91 13.16 -18.85
C GLU A 164 -1.41 13.21 -19.15
N TYR A 165 -1.03 13.60 -20.37
CA TYR A 165 0.39 13.76 -20.73
C TYR A 165 1.06 14.79 -19.80
N LEU A 166 0.39 15.93 -19.63
CA LEU A 166 0.98 17.02 -18.82
C LEU A 166 1.23 16.53 -17.39
N PHE A 167 0.29 15.77 -16.83
CA PHE A 167 0.47 15.25 -15.47
C PHE A 167 1.72 14.37 -15.40
N ASP A 168 1.85 13.45 -16.33
CA ASP A 168 3.00 12.54 -16.35
C ASP A 168 4.31 13.34 -16.40
N LYS A 169 4.31 14.45 -17.13
CA LYS A 169 5.54 15.22 -17.37
C LYS A 169 5.82 16.27 -16.30
N HIS A 170 4.86 16.63 -15.44
CA HIS A 170 5.09 17.71 -14.45
C HIS A 170 4.70 17.34 -13.02
N SER A 171 4.01 16.23 -12.76
CA SER A 171 3.58 15.89 -11.39
C SER A 171 4.34 14.71 -10.82
N VAL A 172 4.92 13.86 -11.66
CA VAL A 172 5.57 12.60 -11.20
C VAL A 172 6.92 12.49 -11.95
N LYS A 173 7.56 13.58 -12.37
CA LYS A 173 8.85 13.50 -13.12
CA LYS A 173 8.85 13.49 -13.11
C LYS A 173 9.98 13.32 -12.11
FE FE2 B . 6.00 22.22 -19.44
FE FE2 C . 1.00 2.21 0.83
FE FE2 C . 0.98 3.46 1.76
FE FE2 D . 1.98 -0.19 3.29
FE FE2 E . 4.55 6.10 0.82
FE FE2 F . -0.46 5.96 22.86
FE FE2 G . 5.21 7.75 20.05
MG MG H . 6.44 9.70 13.40
MG MG I . -5.85 4.28 25.79
MG MG J . 12.42 -22.73 24.10
MG MG K . 10.88 4.34 -22.49
MG MG L . -3.08 -23.31 -1.12
MG MG M . -6.36 -10.12 4.23
MG MG N . -1.87 -17.95 18.51
CL CL O . 1.95 -6.51 30.78
CL CL P . -2.33 -14.96 24.22
CL CL Q . 3.83 22.32 -20.39
CL CL R . 2.90 -13.20 26.01
CL CL S . -9.66 -5.86 -15.53
CL CL T . -9.60 -17.58 -0.86
CL CL U . -7.00 -6.39 13.71
CL CL V . -9.04 -1.51 -1.90
CL CL W . -1.86 -16.48 11.58
#